data_6QU0
#
_entry.id   6QU0
#
_cell.length_a   47.209
_cell.length_b   92.970
_cell.length_c   103.040
_cell.angle_alpha   90.00
_cell.angle_beta   90.00
_cell.angle_gamma   90.00
#
_symmetry.space_group_name_H-M   'P 2 21 21'
#
loop_
_entity.id
_entity.type
_entity.pdbx_description
1 polymer 'FMN-dependent NADH-azoreductase'
2 non-polymer 'FLAVIN MONONUCLEOTIDE'
3 non-polymer GLYCEROL
4 non-polymer 'SULFATE ION'
5 water water
#
_entity_poly.entity_id   1
_entity_poly.type   'polypeptide(L)'
_entity_poly.pdbx_seq_one_letter_code
;MTKVLYITAHPHDDTQSFSMAVGKAFIDTYKEVNPDHEVETIDLYIEDIPHIDVDVFSGWGKLRSGQGFDQLSSDEKAKV
GRLSELCEQFVSADKYIFVSPLWNFSFPPVLKAYIDSVAVAGKTFKYTEQGPVGLLTDKKALHIQARGGIYSEGPAAQME
MGHRYLSIIMQFFGVPSFDGLFVEGHNAMPDKAQEIKEKAVARAKDLAHTF
;
_entity_poly.pdbx_strand_id   A,B
#
loop_
_chem_comp.id
_chem_comp.type
_chem_comp.name
_chem_comp.formula
FMN non-polymer 'FLAVIN MONONUCLEOTIDE' 'C17 H21 N4 O9 P'
GOL non-polymer GLYCEROL 'C3 H8 O3'
SO4 non-polymer 'SULFATE ION' 'O4 S -2'
#
# COMPACT_ATOMS: atom_id res chain seq x y z
N MET A 1 26.54 19.20 7.79
CA MET A 1 26.51 18.59 6.44
C MET A 1 25.08 18.65 5.87
N THR A 2 24.91 18.27 4.60
CA THR A 2 23.60 17.99 3.96
C THR A 2 23.50 16.47 3.86
N LYS A 3 22.38 15.90 4.31
CA LYS A 3 22.18 14.43 4.41
C LYS A 3 21.04 14.03 3.48
N VAL A 4 21.28 13.00 2.67
CA VAL A 4 20.33 12.53 1.63
C VAL A 4 20.03 11.08 1.96
N LEU A 5 18.74 10.73 1.97
CA LEU A 5 18.29 9.33 2.19
C LEU A 5 17.86 8.77 0.85
N TYR A 6 18.51 7.68 0.48
CA TYR A 6 18.26 6.93 -0.78
C TYR A 6 17.49 5.67 -0.39
N ILE A 7 16.16 5.72 -0.58
CA ILE A 7 15.21 4.71 -0.08
C ILE A 7 14.75 3.87 -1.27
N THR A 8 15.18 2.61 -1.32
CA THR A 8 14.84 1.70 -2.43
C THR A 8 13.85 0.62 -1.97
N ALA A 9 12.78 0.45 -2.74
CA ALA A 9 11.74 -0.58 -2.57
C ALA A 9 11.76 -1.54 -3.76
N HIS A 10 12.82 -2.31 -3.95
CA HIS A 10 12.95 -3.24 -5.10
C HIS A 10 13.55 -4.58 -4.67
N PRO A 11 12.86 -5.69 -4.98
CA PRO A 11 13.36 -7.04 -4.75
C PRO A 11 14.77 -7.21 -5.35
N HIS A 12 15.63 -7.98 -4.68
CA HIS A 12 17.03 -8.20 -5.08
C HIS A 12 17.11 -9.21 -6.24
N ASP A 13 18.29 -9.29 -6.89
CA ASP A 13 18.63 -10.22 -8.00
C ASP A 13 17.83 -9.86 -9.25
N ASP A 14 17.33 -8.64 -9.37
CA ASP A 14 16.71 -8.18 -10.64
C ASP A 14 17.84 -7.57 -11.46
N THR A 15 18.33 -8.34 -12.43
CA THR A 15 19.41 -7.97 -13.38
C THR A 15 18.74 -7.38 -14.64
N GLN A 16 17.73 -6.54 -14.41
CA GLN A 16 17.02 -5.71 -15.42
C GLN A 16 15.95 -4.87 -14.70
N SER A 17 16.34 -4.13 -13.67
CA SER A 17 15.41 -3.21 -12.99
C SER A 17 15.56 -1.81 -13.58
N PHE A 18 14.49 -1.29 -14.17
CA PHE A 18 14.47 0.06 -14.77
C PHE A 18 14.52 1.12 -13.68
N SER A 19 13.72 0.98 -12.61
CA SER A 19 13.67 2.01 -11.55
C SER A 19 15.07 2.09 -10.93
N MET A 20 15.72 0.95 -10.68
CA MET A 20 17.02 0.92 -9.96
C MET A 20 18.14 1.46 -10.90
N ALA A 21 18.00 1.25 -12.22
CA ALA A 21 18.93 1.81 -13.22
C ALA A 21 18.91 3.34 -13.14
N VAL A 22 17.73 3.94 -13.24
CA VAL A 22 17.58 5.42 -13.18
C VAL A 22 18.02 5.92 -11.82
N GLY A 23 17.63 5.18 -10.77
CA GLY A 23 18.05 5.47 -9.39
C GLY A 23 19.56 5.55 -9.27
N LYS A 24 20.25 4.48 -9.71
CA LYS A 24 21.73 4.42 -9.86
C LYS A 24 22.25 5.71 -10.49
N ALA A 25 21.73 6.04 -11.67
CA ALA A 25 22.22 7.16 -12.51
C ALA A 25 22.00 8.47 -11.76
N PHE A 26 20.84 8.65 -11.14
CA PHE A 26 20.54 9.88 -10.39
C PHE A 26 21.50 10.03 -9.20
N ILE A 27 21.73 8.96 -8.43
CA ILE A 27 22.46 9.08 -7.13
C ILE A 27 23.97 9.14 -7.41
N ASP A 28 24.45 8.41 -8.41
CA ASP A 28 25.90 8.39 -8.76
C ASP A 28 26.32 9.78 -9.24
N THR A 29 25.54 10.41 -10.11
CA THR A 29 25.80 11.79 -10.57
C THR A 29 25.68 12.73 -9.38
N TYR A 30 24.66 12.53 -8.51
CA TYR A 30 24.39 13.43 -7.36
C TYR A 30 25.61 13.45 -6.45
N LYS A 31 26.20 12.30 -6.16
CA LYS A 31 27.38 12.21 -5.26
C LYS A 31 28.58 12.93 -5.91
N GLU A 32 28.83 12.73 -7.22
CA GLU A 32 29.91 13.40 -7.99
C GLU A 32 29.71 14.92 -7.93
N VAL A 33 28.53 15.42 -8.27
CA VAL A 33 28.17 16.87 -8.20
C VAL A 33 28.44 17.37 -6.77
N ASN A 34 27.92 16.65 -5.77
CA ASN A 34 27.91 17.07 -4.34
C ASN A 34 28.75 16.10 -3.53
N PRO A 35 30.10 16.08 -3.67
CA PRO A 35 30.91 15.04 -3.03
C PRO A 35 31.02 15.21 -1.50
N ASP A 36 30.63 16.39 -1.02
CA ASP A 36 30.59 16.82 0.40
C ASP A 36 29.34 16.22 1.10
N HIS A 37 28.26 16.00 0.36
CA HIS A 37 26.94 15.54 0.91
C HIS A 37 27.05 14.11 1.43
N GLU A 38 26.47 13.82 2.59
CA GLU A 38 26.30 12.44 3.09
C GLU A 38 25.03 11.85 2.45
N VAL A 39 25.18 10.71 1.78
CA VAL A 39 24.07 9.91 1.19
C VAL A 39 23.96 8.63 2.02
N GLU A 40 22.85 8.43 2.73
CA GLU A 40 22.60 7.19 3.52
C GLU A 40 21.58 6.34 2.75
N THR A 41 21.84 5.06 2.58
CA THR A 41 20.96 4.16 1.81
C THR A 41 20.09 3.38 2.76
N ILE A 42 18.81 3.28 2.46
CA ILE A 42 17.97 2.30 3.20
C ILE A 42 17.27 1.44 2.14
N ASP A 43 17.71 0.22 2.08
CA ASP A 43 17.18 -0.81 1.17
C ASP A 43 16.13 -1.56 1.96
N LEU A 44 14.86 -1.38 1.57
CA LEU A 44 13.70 -1.88 2.34
C LEU A 44 13.62 -3.41 2.14
N TYR A 45 14.48 -4.01 1.31
CA TYR A 45 14.54 -5.48 1.12
C TYR A 45 15.76 -6.00 1.86
N ILE A 46 16.50 -5.11 2.51
CA ILE A 46 17.59 -5.54 3.42
C ILE A 46 17.16 -5.30 4.87
N GLU A 47 16.75 -4.09 5.20
CA GLU A 47 16.47 -3.76 6.61
C GLU A 47 15.13 -4.32 7.05
N ASP A 48 14.95 -4.51 8.36
CA ASP A 48 13.67 -5.05 8.87
C ASP A 48 12.76 -3.87 9.20
N ILE A 49 11.57 -3.91 8.64
CA ILE A 49 10.59 -2.85 8.89
C ILE A 49 9.52 -3.49 9.75
N PRO A 50 9.35 -3.10 11.02
CA PRO A 50 8.42 -3.77 11.92
C PRO A 50 7.00 -3.80 11.35
N HIS A 51 6.26 -4.89 11.61
CA HIS A 51 4.79 -4.98 11.39
C HIS A 51 4.11 -4.10 12.44
N ILE A 52 3.20 -3.23 12.04
CA ILE A 52 2.42 -2.44 13.04
C ILE A 52 1.66 -3.43 13.93
N ASP A 53 1.82 -3.21 15.22
CA ASP A 53 0.99 -3.75 16.34
C ASP A 53 0.33 -2.50 16.95
N VAL A 54 -0.99 -2.38 16.82
CA VAL A 54 -1.73 -1.19 17.31
C VAL A 54 -1.47 -0.94 18.80
N ASP A 55 -1.17 -1.99 19.59
CA ASP A 55 -0.89 -1.87 21.05
C ASP A 55 0.37 -1.05 21.32
N VAL A 56 1.25 -0.82 20.36
CA VAL A 56 2.45 0.04 20.65
C VAL A 56 2.15 1.51 20.36
N PHE A 57 0.95 1.85 19.88
CA PHE A 57 0.52 3.26 19.66
C PHE A 57 -0.56 3.61 20.68
N SER A 58 -0.59 4.84 21.19
CA SER A 58 -1.69 5.31 22.08
C SER A 58 -2.72 6.09 21.26
N GLY A 59 -2.43 6.32 19.98
CA GLY A 59 -3.27 7.07 19.02
C GLY A 59 -2.47 7.23 17.73
N TRP A 60 -3.05 7.81 16.68
CA TRP A 60 -2.34 7.96 15.40
C TRP A 60 -0.99 8.70 15.60
N GLY A 61 0.10 8.03 15.21
CA GLY A 61 1.47 8.59 15.25
C GLY A 61 2.06 8.62 16.64
N LYS A 62 1.35 8.16 17.66
CA LYS A 62 1.86 8.35 19.05
C LYS A 62 2.42 7.03 19.57
N LEU A 63 3.76 6.92 19.59
CA LEU A 63 4.44 5.73 20.13
C LEU A 63 4.21 5.74 21.65
N ARG A 64 3.87 4.60 22.23
CA ARG A 64 3.68 4.50 23.70
C ARG A 64 4.95 4.99 24.42
N SER A 65 4.76 5.69 25.53
CA SER A 65 5.83 6.29 26.36
C SER A 65 5.39 6.16 27.83
N GLY A 66 6.34 6.29 28.76
CA GLY A 66 6.07 6.22 30.20
C GLY A 66 5.44 4.91 30.59
N GLN A 67 4.37 4.95 31.40
CA GLN A 67 3.68 3.74 31.91
C GLN A 67 3.16 2.91 30.73
N GLY A 68 2.58 3.57 29.72
CA GLY A 68 2.02 2.92 28.52
C GLY A 68 3.07 2.04 27.85
N PHE A 69 4.31 2.52 27.79
CA PHE A 69 5.47 1.77 27.24
C PHE A 69 5.88 0.68 28.23
N ASP A 70 5.94 1.02 29.53
CA ASP A 70 6.48 0.07 30.54
C ASP A 70 5.60 -1.17 30.66
N GLN A 71 4.32 -1.13 30.26
CA GLN A 71 3.42 -2.30 30.41
C GLN A 71 3.47 -3.20 29.17
N LEU A 72 4.24 -2.83 28.14
CA LEU A 72 4.29 -3.63 26.88
C LEU A 72 5.00 -4.97 27.08
N SER A 73 4.79 -5.87 26.13
CA SER A 73 5.58 -7.12 25.99
C SER A 73 7.01 -6.74 25.62
N SER A 74 7.99 -7.61 25.83
CA SER A 74 9.40 -7.43 25.38
C SER A 74 9.45 -7.21 23.87
N ASP A 75 8.73 -8.01 23.10
CA ASP A 75 8.71 -7.88 21.60
C ASP A 75 8.14 -6.51 21.25
N GLU A 76 7.09 -6.07 21.94
CA GLU A 76 6.46 -4.76 21.69
C GLU A 76 7.43 -3.61 22.04
N LYS A 77 8.16 -3.71 23.14
CA LYS A 77 9.15 -2.67 23.51
C LYS A 77 10.22 -2.57 22.42
N ALA A 78 10.69 -3.70 21.89
CA ALA A 78 11.70 -3.75 20.81
C ALA A 78 11.15 -3.12 19.55
N LYS A 79 9.87 -3.35 19.22
CA LYS A 79 9.25 -2.71 18.03
C LYS A 79 9.22 -1.21 18.19
N VAL A 80 8.79 -0.71 19.34
CA VAL A 80 8.77 0.75 19.56
C VAL A 80 10.19 1.31 19.32
N GLY A 81 11.20 0.63 19.84
CA GLY A 81 12.62 1.02 19.61
C GLY A 81 12.97 1.10 18.13
N ARG A 82 12.54 0.10 17.35
CA ARG A 82 12.89 0.03 15.91
C ARG A 82 12.15 1.14 15.17
N LEU A 83 10.84 1.31 15.44
CA LEU A 83 10.06 2.38 14.79
C LEU A 83 10.72 3.73 15.12
N SER A 84 11.05 3.98 16.39
CA SER A 84 11.69 5.25 16.81
C SER A 84 13.07 5.40 16.10
N GLU A 85 13.84 4.33 15.92
CA GLU A 85 15.10 4.38 15.13
C GLU A 85 14.81 4.84 13.68
N LEU A 86 13.83 4.22 13.02
CA LEU A 86 13.51 4.48 11.58
C LEU A 86 13.03 5.90 11.45
N CYS A 87 12.21 6.35 12.39
CA CYS A 87 11.64 7.71 12.34
C CYS A 87 12.77 8.75 12.51
N GLU A 88 13.66 8.52 13.46
CA GLU A 88 14.80 9.43 13.76
C GLU A 88 15.68 9.55 12.51
N GLN A 89 15.97 8.44 11.86
CA GLN A 89 16.82 8.43 10.63
C GLN A 89 16.15 9.29 9.56
N PHE A 90 14.84 9.11 9.36
CA PHE A 90 14.05 9.85 8.35
C PHE A 90 14.11 11.35 8.66
N VAL A 91 13.87 11.74 9.92
CA VAL A 91 13.86 13.17 10.36
C VAL A 91 15.25 13.80 10.20
N SER A 92 16.31 13.03 10.43
CA SER A 92 17.72 13.48 10.39
C SER A 92 18.03 14.04 8.98
N ALA A 93 17.41 13.51 7.92
CA ALA A 93 17.79 13.75 6.52
C ALA A 93 17.25 15.10 6.01
N ASP A 94 17.95 15.73 5.06
CA ASP A 94 17.52 16.99 4.40
C ASP A 94 16.74 16.70 3.14
N LYS A 95 17.08 15.61 2.46
CA LYS A 95 16.52 15.23 1.16
C LYS A 95 16.17 13.74 1.18
N TYR A 96 15.07 13.42 0.49
CA TYR A 96 14.53 12.05 0.38
C TYR A 96 14.38 11.69 -1.10
N ILE A 97 14.94 10.55 -1.46
CA ILE A 97 14.79 9.95 -2.81
C ILE A 97 14.19 8.57 -2.60
N PHE A 98 12.98 8.37 -3.11
CA PHE A 98 12.27 7.07 -3.15
C PHE A 98 12.43 6.47 -4.55
N VAL A 99 12.80 5.19 -4.61
CA VAL A 99 12.91 4.41 -5.87
C VAL A 99 11.99 3.20 -5.75
N SER A 100 11.01 3.11 -6.65
CA SER A 100 9.98 2.02 -6.66
C SER A 100 9.56 1.63 -8.07
N PRO A 101 9.15 0.34 -8.20
CA PRO A 101 8.39 -0.15 -9.34
C PRO A 101 6.91 0.12 -9.15
N LEU A 102 6.21 0.34 -10.23
CA LEU A 102 4.73 0.33 -10.22
C LEU A 102 4.22 -1.12 -10.28
N TRP A 103 3.63 -1.57 -9.18
CA TRP A 103 2.94 -2.87 -9.05
C TRP A 103 1.45 -2.61 -8.86
N ASN A 104 0.64 -3.00 -9.83
CA ASN A 104 -0.83 -2.92 -9.72
C ASN A 104 -1.20 -1.48 -9.29
N PHE A 105 -0.69 -0.52 -10.03
CA PHE A 105 -0.98 0.94 -9.94
C PHE A 105 -0.41 1.55 -8.66
N SER A 106 0.38 0.81 -7.87
CA SER A 106 0.96 1.30 -6.61
C SER A 106 2.36 0.73 -6.45
N PHE A 107 2.85 0.61 -5.22
CA PHE A 107 4.28 0.29 -4.92
C PHE A 107 4.33 -0.97 -4.06
N PRO A 108 5.52 -1.57 -3.90
CA PRO A 108 5.66 -2.76 -3.09
C PRO A 108 5.15 -2.50 -1.68
N PRO A 109 4.48 -3.50 -1.06
CA PRO A 109 3.93 -3.36 0.28
C PRO A 109 4.91 -2.83 1.33
N VAL A 110 6.18 -3.21 1.23
CA VAL A 110 7.16 -2.78 2.25
C VAL A 110 7.29 -1.25 2.25
N LEU A 111 7.08 -0.57 1.13
CA LEU A 111 7.15 0.91 1.16
C LEU A 111 5.97 1.47 1.98
N LYS A 112 4.78 0.83 1.97
CA LYS A 112 3.70 1.23 2.93
C LYS A 112 4.18 1.03 4.37
N ALA A 113 4.78 -0.12 4.67
CA ALA A 113 5.27 -0.45 6.02
C ALA A 113 6.27 0.65 6.44
N TYR A 114 7.11 1.11 5.50
CA TYR A 114 8.15 2.12 5.83
C TYR A 114 7.49 3.46 6.15
N ILE A 115 6.49 3.85 5.38
CA ILE A 115 5.73 5.11 5.67
C ILE A 115 5.10 4.98 7.06
N ASP A 116 4.57 3.81 7.40
CA ASP A 116 3.84 3.62 8.67
C ASP A 116 4.86 3.77 9.79
N SER A 117 6.12 3.45 9.50
CA SER A 117 7.24 3.49 10.48
C SER A 117 7.65 4.91 10.79
N VAL A 118 7.56 5.82 9.83
CA VAL A 118 8.14 7.19 9.97
C VAL A 118 7.05 8.24 10.21
N ALA A 119 5.76 7.90 10.05
CA ALA A 119 4.63 8.80 10.40
C ALA A 119 4.42 8.80 11.93
N VAL A 120 5.10 9.71 12.62
CA VAL A 120 5.16 9.75 14.10
C VAL A 120 4.92 11.20 14.56
N ALA A 121 4.02 11.36 15.51
CA ALA A 121 3.64 12.65 16.10
C ALA A 121 4.81 13.16 16.94
N GLY A 122 5.17 14.43 16.80
CA GLY A 122 6.37 15.01 17.41
C GLY A 122 7.60 14.85 16.53
N LYS A 123 7.54 14.08 15.43
CA LYS A 123 8.73 13.83 14.59
C LYS A 123 8.45 14.33 13.16
N THR A 124 7.50 13.73 12.44
CA THR A 124 7.22 14.09 11.03
C THR A 124 5.92 14.91 10.91
N PHE A 125 5.00 14.84 11.89
CA PHE A 125 3.84 15.74 11.99
C PHE A 125 3.57 15.98 13.46
N LYS A 126 2.70 16.95 13.74
CA LYS A 126 2.30 17.33 15.11
C LYS A 126 0.80 17.54 15.03
N TYR A 127 0.13 17.51 16.18
CA TYR A 127 -1.26 17.97 16.28
C TYR A 127 -1.27 19.44 16.74
N THR A 128 -2.25 20.18 16.28
CA THR A 128 -2.56 21.57 16.68
C THR A 128 -4.08 21.64 16.85
N GLU A 129 -4.63 22.85 17.02
CA GLU A 129 -6.10 23.09 17.07
C GLU A 129 -6.82 22.51 15.85
N GLN A 130 -6.17 22.49 14.67
CA GLN A 130 -6.88 22.11 13.42
C GLN A 130 -6.67 20.60 13.13
N GLY A 131 -5.91 19.92 13.97
CA GLY A 131 -5.55 18.51 13.76
C GLY A 131 -4.10 18.41 13.33
N PRO A 132 -3.73 17.36 12.55
CA PRO A 132 -2.33 17.16 12.17
C PRO A 132 -1.82 18.20 11.15
N VAL A 133 -0.57 18.61 11.33
CA VAL A 133 0.16 19.54 10.44
C VAL A 133 1.58 18.99 10.33
N GLY A 134 2.19 19.11 9.15
CA GLY A 134 3.51 18.51 8.90
C GLY A 134 4.60 19.27 9.61
N LEU A 135 5.67 18.59 10.02
CA LEU A 135 6.84 19.23 10.69
C LEU A 135 8.01 19.40 9.72
N LEU A 136 8.00 18.76 8.56
CA LEU A 136 9.22 18.65 7.74
C LEU A 136 9.25 19.80 6.72
N THR A 137 9.12 21.03 7.20
CA THR A 137 8.85 22.26 6.41
C THR A 137 10.09 22.69 5.59
N ASP A 138 11.28 22.25 5.97
CA ASP A 138 12.61 22.61 5.39
C ASP A 138 13.07 21.61 4.31
N LYS A 139 12.37 20.67 3.86
CA LYS A 139 13.08 19.49 3.29
C LYS A 139 12.63 19.21 1.85
N LYS A 140 13.11 18.38 1.13
CA LYS A 140 12.91 18.21 -0.33
C LYS A 140 12.80 16.71 -0.65
N ALA A 141 12.05 16.31 -1.67
CA ALA A 141 11.86 14.87 -1.95
C ALA A 141 11.76 14.62 -3.46
N LEU A 142 12.14 13.41 -3.87
CA LEU A 142 12.05 12.93 -5.26
C LEU A 142 11.64 11.45 -5.28
N HIS A 143 10.70 11.12 -6.16
CA HIS A 143 10.27 9.73 -6.46
C HIS A 143 10.77 9.36 -7.85
N ILE A 144 11.68 8.40 -7.91
CA ILE A 144 12.10 7.67 -9.15
C ILE A 144 11.26 6.39 -9.28
N GLN A 145 10.32 6.36 -10.23
CA GLN A 145 9.36 5.26 -10.41
C GLN A 145 9.43 4.68 -11.84
N ALA A 146 9.58 3.36 -11.99
CA ALA A 146 9.41 2.62 -13.28
C ALA A 146 7.95 2.13 -13.42
N ARG A 147 7.33 2.40 -14.57
CA ARG A 147 5.95 1.99 -14.94
C ARG A 147 6.01 1.16 -16.23
N GLY A 148 5.36 0.00 -16.33
CA GLY A 148 5.31 -0.75 -17.59
C GLY A 148 4.05 -0.40 -18.39
N GLY A 149 3.88 0.87 -18.68
CA GLY A 149 2.64 1.44 -19.26
C GLY A 149 2.74 2.93 -19.12
N ILE A 150 1.89 3.69 -19.80
CA ILE A 150 1.93 5.18 -19.79
C ILE A 150 0.91 5.67 -18.76
N TYR A 151 1.36 6.46 -17.78
CA TYR A 151 0.50 7.01 -16.69
C TYR A 151 0.66 8.54 -16.60
N SER A 152 1.52 9.16 -17.41
CA SER A 152 1.77 10.63 -17.41
C SER A 152 0.68 11.38 -18.19
N GLU A 153 -0.16 10.68 -18.98
CA GLU A 153 -1.32 11.31 -19.70
C GLU A 153 -2.43 10.28 -19.94
N GLY A 154 -3.64 10.77 -20.22
CA GLY A 154 -4.79 9.96 -20.65
C GLY A 154 -5.68 9.52 -19.49
N PRO A 155 -6.52 8.48 -19.67
CA PRO A 155 -7.38 7.96 -18.60
C PRO A 155 -6.62 7.14 -17.55
N ALA A 156 -5.49 6.52 -17.96
CA ALA A 156 -4.59 5.73 -17.10
C ALA A 156 -3.94 6.60 -16.03
N ALA A 157 -3.66 7.89 -16.30
CA ALA A 157 -3.01 8.81 -15.34
C ALA A 157 -3.86 8.83 -14.07
N GLN A 158 -5.16 8.70 -14.22
CA GLN A 158 -6.11 8.76 -13.10
C GLN A 158 -6.12 7.41 -12.33
N MET A 159 -5.47 6.36 -12.81
CA MET A 159 -5.46 5.08 -12.05
C MET A 159 -4.18 4.97 -11.23
N GLU A 160 -3.19 5.81 -11.52
CA GLU A 160 -1.86 5.76 -10.86
C GLU A 160 -2.06 6.09 -9.37
N MET A 161 -1.61 5.24 -8.44
CA MET A 161 -1.92 5.46 -7.00
C MET A 161 -0.63 5.47 -6.14
N GLY A 162 0.51 5.01 -6.63
CA GLY A 162 1.74 4.92 -5.82
C GLY A 162 2.39 6.29 -5.67
N HIS A 163 2.65 6.96 -6.79
CA HIS A 163 3.21 8.34 -6.73
C HIS A 163 2.20 9.26 -6.06
N ARG A 164 0.92 9.08 -6.37
CA ARG A 164 -0.17 9.89 -5.81
C ARG A 164 -0.14 9.76 -4.27
N TYR A 165 0.12 8.57 -3.74
CA TYR A 165 0.06 8.36 -2.28
C TYR A 165 1.26 9.05 -1.66
N LEU A 166 2.46 8.85 -2.21
CA LEU A 166 3.72 9.45 -1.70
C LEU A 166 3.56 10.96 -1.70
N SER A 167 2.84 11.47 -2.70
CA SER A 167 2.57 12.93 -2.85
C SER A 167 1.69 13.38 -1.68
N ILE A 168 0.69 12.60 -1.29
CA ILE A 168 -0.19 12.89 -0.12
C ILE A 168 0.65 12.87 1.18
N ILE A 169 1.53 11.89 1.36
CA ILE A 169 2.35 11.72 2.59
C ILE A 169 3.33 12.89 2.68
N MET A 170 3.97 13.24 1.57
CA MET A 170 4.94 14.37 1.61
C MET A 170 4.21 15.64 2.03
N GLN A 171 3.06 15.89 1.43
CA GLN A 171 2.11 17.00 1.75
C GLN A 171 1.73 16.92 3.24
N PHE A 172 1.42 15.74 3.76
CA PHE A 172 1.03 15.53 5.17
C PHE A 172 2.18 15.90 6.12
N PHE A 173 3.39 15.51 5.75
CA PHE A 173 4.63 15.76 6.54
C PHE A 173 5.10 17.20 6.32
N GLY A 174 4.45 17.95 5.42
CA GLY A 174 4.74 19.39 5.18
C GLY A 174 6.01 19.59 4.36
N VAL A 175 6.44 18.58 3.59
CA VAL A 175 7.56 18.65 2.62
C VAL A 175 7.06 19.54 1.49
N PRO A 176 7.62 20.77 1.34
CA PRO A 176 7.07 21.76 0.42
C PRO A 176 7.31 21.42 -1.06
N SER A 177 8.27 20.53 -1.35
CA SER A 177 8.82 20.24 -2.71
C SER A 177 8.96 18.74 -2.97
N PHE A 178 8.14 18.22 -3.87
CA PHE A 178 8.15 16.79 -4.24
C PHE A 178 8.10 16.61 -5.75
N ASP A 179 9.20 16.11 -6.32
CA ASP A 179 9.36 15.85 -7.78
C ASP A 179 9.12 14.35 -8.04
N GLY A 180 8.52 14.02 -9.18
CA GLY A 180 8.54 12.68 -9.80
C GLY A 180 9.46 12.61 -11.01
N LEU A 181 10.19 11.51 -11.16
CA LEU A 181 11.04 11.19 -12.33
C LEU A 181 10.69 9.77 -12.79
N PHE A 182 10.06 9.66 -13.96
CA PHE A 182 9.37 8.43 -14.41
C PHE A 182 10.11 7.83 -15.62
N VAL A 183 10.27 6.50 -15.60
CA VAL A 183 10.61 5.64 -16.75
C VAL A 183 9.36 4.85 -17.05
N GLU A 184 8.69 5.11 -18.16
CA GLU A 184 7.40 4.44 -18.48
C GLU A 184 7.38 3.99 -19.96
N GLY A 185 6.65 2.91 -20.23
CA GLY A 185 6.26 2.49 -21.59
C GLY A 185 7.08 1.33 -22.12
N HIS A 186 8.25 1.06 -21.54
CA HIS A 186 9.18 0.00 -22.01
C HIS A 186 8.49 -1.36 -22.05
N ASN A 187 7.32 -1.50 -21.40
CA ASN A 187 6.60 -2.80 -21.41
C ASN A 187 5.59 -2.80 -22.55
N ALA A 188 4.94 -1.66 -22.78
CA ALA A 188 4.06 -1.38 -23.95
C ALA A 188 4.85 -1.39 -25.29
N MET A 189 6.19 -1.35 -25.27
CA MET A 189 7.09 -1.12 -26.45
C MET A 189 8.45 -1.79 -26.24
N PRO A 190 8.46 -3.13 -26.08
CA PRO A 190 9.66 -3.86 -25.65
C PRO A 190 10.96 -3.51 -26.40
N ASP A 191 10.83 -3.20 -27.70
CA ASP A 191 11.97 -2.87 -28.59
C ASP A 191 12.45 -1.44 -28.28
N LYS A 192 11.57 -0.54 -27.80
CA LYS A 192 11.91 0.87 -27.43
C LYS A 192 12.56 0.92 -26.04
N ALA A 193 12.58 -0.20 -25.30
CA ALA A 193 12.96 -0.30 -23.87
C ALA A 193 14.30 0.40 -23.64
N GLN A 194 15.35 -0.11 -24.29
CA GLN A 194 16.75 0.37 -24.19
C GLN A 194 16.82 1.87 -24.47
N GLU A 195 15.95 2.38 -25.35
CA GLU A 195 15.82 3.82 -25.71
C GLU A 195 15.18 4.57 -24.54
N ILE A 196 14.03 4.09 -24.04
CA ILE A 196 13.24 4.80 -22.98
C ILE A 196 14.10 4.90 -21.72
N LYS A 197 14.80 3.82 -21.39
CA LYS A 197 15.73 3.74 -20.23
C LYS A 197 16.82 4.81 -20.35
N GLU A 198 17.41 4.97 -21.55
CA GLU A 198 18.51 5.95 -21.80
C GLU A 198 17.95 7.37 -21.66
N LYS A 199 16.75 7.65 -22.16
CA LYS A 199 16.10 8.98 -22.04
C LYS A 199 15.98 9.30 -20.54
N ALA A 200 15.35 8.41 -19.78
CA ALA A 200 15.16 8.58 -18.32
C ALA A 200 16.52 8.68 -17.62
N VAL A 201 17.49 7.81 -17.93
CA VAL A 201 18.86 7.91 -17.35
C VAL A 201 19.40 9.32 -17.62
N ALA A 202 19.27 9.81 -18.85
CA ALA A 202 19.69 11.16 -19.23
C ALA A 202 19.06 12.17 -18.26
N ARG A 203 17.73 12.18 -18.19
CA ARG A 203 16.95 13.12 -17.35
C ARG A 203 17.41 13.01 -15.88
N ALA A 204 17.85 11.82 -15.44
CA ALA A 204 18.29 11.57 -14.05
C ALA A 204 19.60 12.31 -13.78
N LYS A 205 20.60 12.12 -14.64
CA LYS A 205 21.92 12.82 -14.52
C LYS A 205 21.67 14.35 -14.50
N ASP A 206 20.80 14.83 -15.39
CA ASP A 206 20.31 16.24 -15.48
C ASP A 206 19.83 16.74 -14.11
N LEU A 207 18.83 16.08 -13.53
CA LEU A 207 18.18 16.56 -12.29
C LEU A 207 19.20 16.55 -11.15
N ALA A 208 20.12 15.58 -11.16
CA ALA A 208 21.15 15.37 -10.12
C ALA A 208 22.11 16.56 -10.03
N HIS A 209 22.16 17.40 -11.08
CA HIS A 209 22.98 18.64 -11.15
C HIS A 209 22.33 19.74 -10.32
N THR A 210 21.00 19.73 -10.17
CA THR A 210 20.22 20.85 -9.57
C THR A 210 19.58 20.46 -8.23
N PHE A 211 19.37 19.18 -7.91
CA PHE A 211 18.55 18.74 -6.75
C PHE A 211 19.27 19.03 -5.42
N MET B 1 -24.95 -21.70 -5.51
CA MET B 1 -24.28 -21.87 -4.20
C MET B 1 -23.45 -20.60 -3.91
N THR B 2 -24.09 -19.41 -3.97
CA THR B 2 -23.46 -18.08 -3.74
C THR B 2 -22.32 -18.23 -2.72
N LYS B 3 -21.12 -17.79 -3.08
CA LYS B 3 -19.94 -17.86 -2.18
C LYS B 3 -19.45 -16.44 -1.86
N VAL B 4 -19.21 -16.15 -0.59
CA VAL B 4 -18.77 -14.79 -0.17
C VAL B 4 -17.41 -14.93 0.48
N LEU B 5 -16.46 -14.08 0.10
CA LEU B 5 -15.09 -14.03 0.65
C LEU B 5 -15.00 -12.84 1.60
N TYR B 6 -14.92 -13.11 2.90
CA TYR B 6 -14.71 -12.15 4.01
C TYR B 6 -13.19 -12.02 4.25
N ILE B 7 -12.65 -10.89 3.78
CA ILE B 7 -11.18 -10.66 3.75
C ILE B 7 -10.86 -9.62 4.82
N THR B 8 -10.15 -10.01 5.89
CA THR B 8 -9.81 -9.06 6.98
C THR B 8 -8.33 -8.72 6.94
N ALA B 9 -8.03 -7.43 7.08
CA ALA B 9 -6.67 -6.89 7.09
C ALA B 9 -6.44 -6.18 8.42
N HIS B 10 -6.46 -6.94 9.53
CA HIS B 10 -6.31 -6.33 10.88
C HIS B 10 -5.51 -7.24 11.80
N PRO B 11 -4.46 -6.70 12.43
CA PRO B 11 -3.67 -7.50 13.37
C PRO B 11 -4.52 -7.83 14.62
N HIS B 12 -4.09 -8.88 15.33
CA HIS B 12 -4.83 -9.49 16.47
C HIS B 12 -4.22 -8.94 17.76
N ASP B 13 -4.62 -7.72 18.11
CA ASP B 13 -4.00 -6.93 19.20
C ASP B 13 -5.04 -6.82 20.33
N ASP B 14 -4.61 -6.31 21.47
CA ASP B 14 -5.45 -5.96 22.66
C ASP B 14 -6.47 -4.87 22.27
N THR B 15 -6.03 -3.82 21.57
CA THR B 15 -6.83 -2.64 21.22
C THR B 15 -8.09 -3.09 20.48
N GLN B 16 -9.25 -2.56 20.86
CA GLN B 16 -10.55 -2.83 20.18
C GLN B 16 -10.51 -2.26 18.76
N SER B 17 -11.03 -3.03 17.81
CA SER B 17 -11.06 -2.64 16.37
C SER B 17 -12.49 -2.20 16.04
N PHE B 18 -12.68 -0.96 15.62
CA PHE B 18 -13.99 -0.51 15.05
C PHE B 18 -14.29 -1.23 13.72
N SER B 19 -13.31 -1.43 12.83
CA SER B 19 -13.60 -2.04 11.50
C SER B 19 -14.03 -3.50 11.72
N MET B 20 -13.40 -4.24 12.64
CA MET B 20 -13.76 -5.66 12.86
C MET B 20 -15.15 -5.78 13.52
N ALA B 21 -15.52 -4.85 14.39
CA ALA B 21 -16.86 -4.83 15.02
C ALA B 21 -17.94 -4.61 13.95
N VAL B 22 -17.76 -3.67 13.03
CA VAL B 22 -18.74 -3.37 11.95
C VAL B 22 -18.76 -4.56 11.00
N GLY B 23 -17.59 -5.10 10.70
CA GLY B 23 -17.47 -6.28 9.82
C GLY B 23 -18.22 -7.47 10.39
N LYS B 24 -18.05 -7.72 11.67
CA LYS B 24 -18.68 -8.86 12.37
C LYS B 24 -20.21 -8.68 12.30
N ALA B 25 -20.71 -7.50 12.65
CA ALA B 25 -22.15 -7.17 12.56
C ALA B 25 -22.65 -7.42 11.14
N PHE B 26 -21.92 -6.93 10.12
CA PHE B 26 -22.30 -7.12 8.72
C PHE B 26 -22.40 -8.62 8.42
N ILE B 27 -21.32 -9.34 8.70
CA ILE B 27 -21.21 -10.74 8.19
C ILE B 27 -22.13 -11.66 9.00
N ASP B 28 -22.33 -11.44 10.29
CA ASP B 28 -23.27 -12.24 11.08
C ASP B 28 -24.72 -12.04 10.56
N THR B 29 -25.14 -10.80 10.32
CA THR B 29 -26.49 -10.49 9.81
C THR B 29 -26.62 -11.12 8.41
N TYR B 30 -25.59 -11.03 7.58
CA TYR B 30 -25.63 -11.52 6.19
C TYR B 30 -25.96 -13.01 6.18
N LYS B 31 -25.32 -13.79 7.03
CA LYS B 31 -25.50 -15.26 7.09
C LYS B 31 -26.90 -15.58 7.63
N GLU B 32 -27.41 -14.77 8.56
CA GLU B 32 -28.78 -14.95 9.12
C GLU B 32 -29.76 -14.65 8.01
N VAL B 33 -29.48 -13.67 7.16
CA VAL B 33 -30.38 -13.28 6.02
C VAL B 33 -30.27 -14.38 4.95
N ASN B 34 -29.07 -14.92 4.73
CA ASN B 34 -28.77 -15.81 3.56
C ASN B 34 -28.17 -17.12 4.06
N PRO B 35 -28.94 -17.97 4.77
CA PRO B 35 -28.38 -19.15 5.44
C PRO B 35 -27.72 -20.16 4.48
N ASP B 36 -28.14 -20.18 3.21
CA ASP B 36 -27.60 -21.12 2.19
C ASP B 36 -26.23 -20.63 1.68
N HIS B 37 -25.93 -19.34 1.79
CA HIS B 37 -24.69 -18.78 1.20
C HIS B 37 -23.47 -19.33 1.93
N GLU B 38 -22.43 -19.67 1.19
CA GLU B 38 -21.12 -20.04 1.73
C GLU B 38 -20.35 -18.75 2.00
N VAL B 39 -19.90 -18.57 3.25
CA VAL B 39 -18.98 -17.46 3.64
C VAL B 39 -17.65 -18.08 4.02
N GLU B 40 -16.61 -17.67 3.30
CA GLU B 40 -15.23 -18.16 3.51
C GLU B 40 -14.43 -16.98 4.02
N THR B 41 -13.68 -17.17 5.08
CA THR B 41 -12.88 -16.07 5.69
C THR B 41 -11.46 -16.18 5.16
N ILE B 42 -10.87 -15.07 4.79
CA ILE B 42 -9.39 -15.04 4.69
C ILE B 42 -8.88 -13.92 5.57
N ASP B 43 -8.25 -14.34 6.65
CA ASP B 43 -7.62 -13.46 7.65
C ASP B 43 -6.17 -13.28 7.20
N LEU B 44 -5.84 -12.08 6.70
CA LEU B 44 -4.53 -11.80 6.08
C LEU B 44 -3.45 -11.73 7.16
N TYR B 45 -3.76 -11.67 8.44
CA TYR B 45 -2.75 -11.76 9.54
C TYR B 45 -2.56 -13.20 10.03
N ILE B 46 -3.37 -14.15 9.58
CA ILE B 46 -3.17 -15.59 9.92
C ILE B 46 -2.58 -16.29 8.69
N GLU B 47 -3.14 -16.06 7.51
CA GLU B 47 -2.67 -16.78 6.29
C GLU B 47 -1.34 -16.21 5.79
N ASP B 48 -0.58 -17.05 5.11
CA ASP B 48 0.73 -16.69 4.50
C ASP B 48 0.41 -16.02 3.15
N ILE B 49 0.79 -14.76 2.97
CA ILE B 49 0.69 -14.11 1.63
C ILE B 49 2.11 -13.99 1.10
N PRO B 50 2.47 -14.64 -0.02
CA PRO B 50 3.87 -14.61 -0.49
C PRO B 50 4.35 -13.20 -0.83
N HIS B 51 5.62 -12.92 -0.56
CA HIS B 51 6.34 -11.71 -1.04
C HIS B 51 6.61 -11.89 -2.52
N ILE B 52 6.40 -10.82 -3.29
CA ILE B 52 6.86 -10.82 -4.70
C ILE B 52 8.40 -10.81 -4.70
N ASP B 53 9.01 -11.70 -5.45
CA ASP B 53 10.48 -11.75 -5.66
C ASP B 53 10.58 -11.73 -7.18
N VAL B 54 11.82 -11.75 -7.69
CA VAL B 54 12.17 -11.76 -9.15
C VAL B 54 11.55 -12.99 -9.84
N ASP B 55 11.40 -14.12 -9.14
CA ASP B 55 11.17 -15.46 -9.72
C ASP B 55 9.67 -15.75 -9.95
N VAL B 56 8.72 -15.11 -9.25
CA VAL B 56 7.33 -15.63 -9.16
C VAL B 56 6.48 -15.15 -10.36
N PHE B 57 6.77 -13.96 -10.85
CA PHE B 57 6.15 -13.31 -12.04
C PHE B 57 7.21 -13.14 -13.12
N SER B 58 6.86 -13.46 -14.39
CA SER B 58 7.66 -13.16 -15.60
C SER B 58 7.25 -11.80 -16.16
N GLY B 59 6.18 -11.20 -15.63
CA GLY B 59 5.72 -9.84 -16.00
C GLY B 59 4.39 -9.58 -15.35
N TRP B 60 3.77 -8.44 -15.65
CA TRP B 60 2.51 -7.99 -15.00
C TRP B 60 1.40 -9.04 -15.13
N GLY B 61 0.98 -9.65 -14.01
CA GLY B 61 -0.11 -10.65 -13.98
C GLY B 61 0.30 -12.01 -14.55
N LYS B 62 1.59 -12.25 -14.78
CA LYS B 62 2.06 -13.46 -15.48
C LYS B 62 2.82 -14.36 -14.52
N LEU B 63 2.08 -15.30 -13.93
CA LEU B 63 2.65 -16.30 -13.01
C LEU B 63 3.68 -17.12 -13.78
N ARG B 64 4.85 -17.36 -13.20
CA ARG B 64 5.91 -18.21 -13.78
C ARG B 64 5.34 -19.60 -14.03
N SER B 65 5.47 -20.12 -15.25
CA SER B 65 5.05 -21.51 -15.59
C SER B 65 5.75 -22.00 -16.87
N GLY B 66 6.92 -21.44 -17.19
CA GLY B 66 7.75 -21.74 -18.39
C GLY B 66 9.06 -22.45 -18.00
N GLN B 67 10.11 -22.27 -18.81
CA GLN B 67 11.46 -22.86 -18.56
C GLN B 67 12.08 -22.29 -17.26
N GLY B 68 11.82 -21.01 -16.93
CA GLY B 68 12.28 -20.33 -15.69
C GLY B 68 11.62 -20.91 -14.45
N PHE B 69 10.34 -21.26 -14.55
CA PHE B 69 9.60 -22.02 -13.52
C PHE B 69 10.29 -23.36 -13.19
N ASP B 70 10.66 -24.13 -14.22
CA ASP B 70 11.23 -25.50 -14.03
C ASP B 70 12.61 -25.36 -13.40
N GLN B 71 13.27 -24.20 -13.58
CA GLN B 71 14.60 -23.90 -12.98
C GLN B 71 14.45 -23.41 -11.53
N LEU B 72 13.20 -23.29 -11.04
CA LEU B 72 12.94 -22.82 -9.66
C LEU B 72 13.15 -23.99 -8.69
N SER B 73 13.68 -23.67 -7.51
CA SER B 73 13.62 -24.53 -6.29
C SER B 73 12.18 -24.98 -6.03
N SER B 74 12.01 -26.10 -5.33
CA SER B 74 10.69 -26.55 -4.82
C SER B 74 10.10 -25.46 -3.93
N ASP B 75 10.94 -24.70 -3.22
CA ASP B 75 10.50 -23.54 -2.38
C ASP B 75 9.77 -22.52 -3.28
N GLU B 76 10.43 -22.08 -4.34
CA GLU B 76 9.90 -21.01 -5.22
C GLU B 76 8.68 -21.52 -5.97
N LYS B 77 8.68 -22.78 -6.44
CA LYS B 77 7.49 -23.43 -7.03
C LYS B 77 6.34 -23.41 -6.03
N ALA B 78 6.61 -23.69 -4.76
CA ALA B 78 5.58 -23.70 -3.69
C ALA B 78 5.02 -22.27 -3.56
N LYS B 79 5.88 -21.25 -3.65
CA LYS B 79 5.43 -19.85 -3.59
C LYS B 79 4.49 -19.55 -4.77
N VAL B 80 4.83 -20.02 -5.97
CA VAL B 80 4.01 -19.75 -7.19
C VAL B 80 2.67 -20.47 -7.06
N GLY B 81 2.67 -21.69 -6.51
CA GLY B 81 1.44 -22.47 -6.28
C GLY B 81 0.56 -21.78 -5.25
N ARG B 82 1.15 -21.10 -4.28
CA ARG B 82 0.37 -20.38 -3.22
C ARG B 82 -0.31 -19.16 -3.86
N LEU B 83 0.41 -18.42 -4.69
CA LEU B 83 -0.18 -17.25 -5.39
C LEU B 83 -1.34 -17.74 -6.26
N SER B 84 -1.13 -18.88 -6.94
CA SER B 84 -2.17 -19.50 -7.80
C SER B 84 -3.38 -19.82 -6.93
N GLU B 85 -3.14 -20.38 -5.75
CA GLU B 85 -4.23 -20.78 -4.83
C GLU B 85 -5.00 -19.53 -4.38
N LEU B 86 -4.29 -18.48 -3.95
CA LEU B 86 -4.93 -17.20 -3.50
C LEU B 86 -5.84 -16.65 -4.59
N CYS B 87 -5.31 -16.54 -5.80
CA CYS B 87 -6.02 -16.04 -6.98
C CYS B 87 -7.25 -16.90 -7.29
N GLU B 88 -7.12 -18.23 -7.30
CA GLU B 88 -8.22 -19.18 -7.61
C GLU B 88 -9.35 -19.02 -6.60
N GLN B 89 -9.01 -18.96 -5.30
CA GLN B 89 -10.00 -18.74 -4.21
C GLN B 89 -10.72 -17.40 -4.45
N PHE B 90 -10.00 -16.35 -4.82
CA PHE B 90 -10.59 -15.01 -5.12
C PHE B 90 -11.58 -15.07 -6.31
N VAL B 91 -11.19 -15.64 -7.46
CA VAL B 91 -12.05 -15.65 -8.68
C VAL B 91 -13.26 -16.57 -8.46
N SER B 92 -13.13 -17.58 -7.60
CA SER B 92 -14.20 -18.58 -7.28
C SER B 92 -15.38 -17.95 -6.52
N ALA B 93 -15.21 -16.81 -5.82
CA ALA B 93 -16.27 -16.22 -4.97
C ALA B 93 -17.16 -15.32 -5.82
N ASP B 94 -18.42 -15.15 -5.43
CA ASP B 94 -19.35 -14.20 -6.11
C ASP B 94 -19.25 -12.82 -5.49
N LYS B 95 -18.93 -12.71 -4.19
CA LYS B 95 -18.92 -11.40 -3.49
C LYS B 95 -17.64 -11.26 -2.65
N TYR B 96 -17.14 -10.04 -2.56
CA TYR B 96 -15.90 -9.76 -1.79
C TYR B 96 -16.22 -8.76 -0.67
N ILE B 97 -15.81 -9.11 0.56
CA ILE B 97 -15.93 -8.14 1.67
C ILE B 97 -14.51 -7.83 2.13
N PHE B 98 -14.08 -6.59 2.05
CA PHE B 98 -12.77 -6.18 2.59
C PHE B 98 -13.03 -5.45 3.90
N VAL B 99 -12.25 -5.76 4.93
CA VAL B 99 -12.34 -5.05 6.25
C VAL B 99 -10.94 -4.53 6.60
N SER B 100 -10.84 -3.24 6.86
CA SER B 100 -9.51 -2.61 7.04
C SER B 100 -9.60 -1.38 7.91
N PRO B 101 -8.49 -1.12 8.63
CA PRO B 101 -8.29 0.15 9.30
C PRO B 101 -7.62 1.16 8.36
N LEU B 102 -7.90 2.41 8.59
CA LEU B 102 -7.19 3.51 7.89
C LEU B 102 -5.87 3.78 8.64
N TRP B 103 -4.74 3.46 8.02
CA TRP B 103 -3.39 3.76 8.55
C TRP B 103 -2.68 4.71 7.59
N ASN B 104 -2.39 5.93 8.03
CA ASN B 104 -1.68 6.93 7.23
C ASN B 104 -2.36 7.03 5.84
N PHE B 105 -3.69 7.23 5.83
CA PHE B 105 -4.53 7.49 4.65
C PHE B 105 -4.67 6.25 3.78
N SER B 106 -4.21 5.09 4.23
CA SER B 106 -4.29 3.86 3.41
C SER B 106 -4.54 2.65 4.29
N PHE B 107 -4.16 1.47 3.86
CA PHE B 107 -4.53 0.22 4.56
C PHE B 107 -3.25 -0.50 4.95
N PRO B 108 -3.34 -1.51 5.81
CA PRO B 108 -2.16 -2.30 6.17
C PRO B 108 -1.46 -2.88 4.96
N PRO B 109 -0.10 -2.93 4.98
CA PRO B 109 0.68 -3.45 3.87
C PRO B 109 0.18 -4.79 3.29
N VAL B 110 -0.29 -5.68 4.16
CA VAL B 110 -0.62 -7.07 3.73
C VAL B 110 -1.82 -7.05 2.78
N LEU B 111 -2.68 -6.04 2.83
CA LEU B 111 -3.78 -5.94 1.84
C LEU B 111 -3.22 -5.63 0.44
N LYS B 112 -2.17 -4.82 0.36
CA LYS B 112 -1.46 -4.62 -0.92
C LYS B 112 -0.90 -5.98 -1.37
N ALA B 113 -0.21 -6.73 -0.50
CA ALA B 113 0.40 -8.04 -0.85
C ALA B 113 -0.69 -8.95 -1.37
N TYR B 114 -1.88 -8.90 -0.75
CA TYR B 114 -3.02 -9.74 -1.17
C TYR B 114 -3.48 -9.34 -2.59
N ILE B 115 -3.68 -8.03 -2.84
CA ILE B 115 -4.03 -7.53 -4.20
C ILE B 115 -3.01 -8.03 -5.21
N ASP B 116 -1.72 -7.98 -4.88
CA ASP B 116 -0.61 -8.36 -5.79
C ASP B 116 -0.72 -9.85 -6.09
N SER B 117 -1.27 -10.64 -5.18
CA SER B 117 -1.40 -12.11 -5.31
CA SER B 117 -1.39 -12.11 -5.30
C SER B 117 -2.57 -12.49 -6.21
N VAL B 118 -3.59 -11.64 -6.29
CA VAL B 118 -4.84 -12.04 -7.00
C VAL B 118 -4.94 -11.30 -8.35
N ALA B 119 -4.09 -10.31 -8.61
CA ALA B 119 -4.06 -9.56 -9.88
C ALA B 119 -3.28 -10.38 -10.93
N VAL B 120 -3.97 -11.28 -11.61
CA VAL B 120 -3.34 -12.31 -12.50
C VAL B 120 -4.05 -12.29 -13.86
N ALA B 121 -3.29 -12.15 -14.93
CA ALA B 121 -3.80 -12.13 -16.32
C ALA B 121 -4.41 -13.50 -16.66
N GLY B 122 -5.58 -13.49 -17.32
CA GLY B 122 -6.42 -14.68 -17.53
C GLY B 122 -7.27 -15.07 -16.33
N LYS B 123 -7.14 -14.38 -15.19
CA LYS B 123 -7.89 -14.76 -13.95
C LYS B 123 -8.79 -13.58 -13.53
N THR B 124 -8.22 -12.42 -13.24
CA THR B 124 -8.99 -11.23 -12.77
C THR B 124 -9.00 -10.14 -13.86
N PHE B 125 -8.04 -10.16 -14.77
CA PHE B 125 -7.97 -9.25 -15.93
C PHE B 125 -7.37 -10.03 -17.12
N LYS B 126 -7.54 -9.49 -18.31
CA LYS B 126 -6.92 -10.08 -19.54
C LYS B 126 -6.39 -8.95 -20.39
N TYR B 127 -5.44 -9.25 -21.27
CA TYR B 127 -4.85 -8.26 -22.18
C TYR B 127 -5.65 -8.30 -23.48
N THR B 128 -6.15 -7.15 -23.91
CA THR B 128 -6.93 -7.04 -25.16
C THR B 128 -6.15 -6.11 -26.09
N GLU B 129 -6.65 -6.01 -27.32
CA GLU B 129 -6.16 -5.02 -28.31
C GLU B 129 -6.15 -3.62 -27.66
N GLN B 130 -7.21 -3.27 -26.92
CA GLN B 130 -7.43 -1.92 -26.34
C GLN B 130 -6.80 -1.80 -24.95
N GLY B 131 -6.10 -2.82 -24.46
CA GLY B 131 -5.36 -2.80 -23.18
C GLY B 131 -5.98 -3.77 -22.17
N PRO B 132 -5.67 -3.65 -20.85
CA PRO B 132 -6.19 -4.58 -19.86
C PRO B 132 -7.70 -4.38 -19.67
N VAL B 133 -8.44 -5.47 -19.58
CA VAL B 133 -9.89 -5.54 -19.32
C VAL B 133 -10.14 -6.54 -18.18
N GLY B 134 -10.99 -6.17 -17.22
CA GLY B 134 -11.34 -7.03 -16.09
C GLY B 134 -12.21 -8.19 -16.51
N LEU B 135 -12.11 -9.30 -15.82
CA LEU B 135 -12.90 -10.51 -16.09
C LEU B 135 -14.01 -10.66 -15.06
N LEU B 136 -14.04 -9.86 -13.99
CA LEU B 136 -14.91 -10.23 -12.85
C LEU B 136 -16.24 -9.48 -12.99
N THR B 137 -16.80 -9.57 -14.19
CA THR B 137 -17.91 -8.69 -14.67
CA THR B 137 -17.92 -8.73 -14.70
C THR B 137 -19.22 -9.01 -13.92
N ASP B 138 -19.31 -10.14 -13.21
CA ASP B 138 -20.56 -10.55 -12.52
C ASP B 138 -20.39 -10.61 -11.00
N LYS B 139 -19.34 -9.99 -10.43
CA LYS B 139 -19.09 -10.00 -8.96
C LYS B 139 -19.62 -8.69 -8.37
N LYS B 140 -19.64 -8.62 -7.04
CA LYS B 140 -19.79 -7.32 -6.32
C LYS B 140 -18.89 -7.34 -5.08
N ALA B 141 -18.55 -6.15 -4.61
CA ALA B 141 -17.57 -5.99 -3.51
C ALA B 141 -18.06 -4.92 -2.52
N LEU B 142 -17.60 -5.04 -1.30
CA LEU B 142 -17.86 -4.08 -0.20
C LEU B 142 -16.57 -3.90 0.58
N HIS B 143 -16.29 -2.66 0.94
CA HIS B 143 -15.18 -2.31 1.84
C HIS B 143 -15.75 -1.69 3.12
N ILE B 144 -15.46 -2.31 4.25
CA ILE B 144 -15.78 -1.81 5.61
C ILE B 144 -14.49 -1.24 6.19
N GLN B 145 -14.46 0.06 6.44
CA GLN B 145 -13.19 0.75 6.76
C GLN B 145 -13.45 1.65 7.97
N ALA B 146 -12.54 1.61 8.96
CA ALA B 146 -12.60 2.48 10.14
C ALA B 146 -11.54 3.57 9.97
N ARG B 147 -11.90 4.82 10.33
CA ARG B 147 -11.05 6.01 10.14
C ARG B 147 -11.12 6.86 11.41
N GLY B 148 -9.98 7.26 12.01
CA GLY B 148 -10.03 8.01 13.28
C GLY B 148 -10.77 9.33 13.09
N GLY B 149 -10.45 10.06 12.03
CA GLY B 149 -11.05 11.38 11.68
C GLY B 149 -12.11 11.23 10.60
N ILE B 150 -12.63 12.37 10.12
CA ILE B 150 -13.69 12.42 9.05
C ILE B 150 -13.03 12.52 7.66
N TYR B 151 -13.37 11.61 6.76
CA TYR B 151 -12.82 11.58 5.38
C TYR B 151 -13.93 11.66 4.33
N SER B 152 -15.19 11.67 4.73
CA SER B 152 -16.37 11.64 3.83
C SER B 152 -16.68 13.06 3.32
N GLU B 153 -15.99 14.09 3.83
CA GLU B 153 -16.22 15.49 3.41
C GLU B 153 -15.04 16.35 3.87
N GLY B 154 -14.95 17.58 3.37
CA GLY B 154 -13.92 18.54 3.77
C GLY B 154 -12.62 18.27 3.05
N PRO B 155 -11.53 18.99 3.40
CA PRO B 155 -10.22 18.86 2.76
C PRO B 155 -9.59 17.47 2.93
N ALA B 156 -10.03 16.73 3.94
CA ALA B 156 -9.44 15.42 4.25
C ALA B 156 -9.89 14.41 3.18
N ALA B 157 -11.08 14.57 2.60
CA ALA B 157 -11.65 13.57 1.67
C ALA B 157 -10.70 13.33 0.49
N GLN B 158 -9.94 14.37 0.10
CA GLN B 158 -8.99 14.31 -1.03
C GLN B 158 -7.73 13.53 -0.61
N MET B 159 -7.50 13.31 0.69
CA MET B 159 -6.29 12.60 1.17
C MET B 159 -6.52 11.10 1.32
N GLU B 160 -7.76 10.64 1.39
CA GLU B 160 -8.08 9.20 1.55
C GLU B 160 -7.54 8.42 0.34
N MET B 161 -6.74 7.36 0.58
CA MET B 161 -6.11 6.62 -0.54
C MET B 161 -6.37 5.11 -0.43
N GLY B 162 -6.89 4.61 0.67
CA GLY B 162 -7.12 3.17 0.88
C GLY B 162 -8.35 2.69 0.12
N HIS B 163 -9.48 3.27 0.43
CA HIS B 163 -10.76 3.00 -0.31
C HIS B 163 -10.57 3.38 -1.79
N ARG B 164 -9.90 4.48 -2.05
CA ARG B 164 -9.67 4.98 -3.43
C ARG B 164 -8.88 3.93 -4.24
N TYR B 165 -7.78 3.39 -3.70
CA TYR B 165 -7.01 2.32 -4.35
C TYR B 165 -7.91 1.09 -4.57
N LEU B 166 -8.60 0.63 -3.56
CA LEU B 166 -9.47 -0.57 -3.71
C LEU B 166 -10.48 -0.29 -4.82
N SER B 167 -10.98 0.95 -4.93
CA SER B 167 -11.99 1.30 -5.96
C SER B 167 -11.35 1.13 -7.34
N ILE B 168 -10.10 1.57 -7.50
CA ILE B 168 -9.30 1.48 -8.75
C ILE B 168 -9.14 -0.02 -9.08
N ILE B 169 -8.80 -0.88 -8.12
CA ILE B 169 -8.56 -2.32 -8.40
C ILE B 169 -9.89 -2.97 -8.81
N MET B 170 -10.96 -2.64 -8.14
CA MET B 170 -12.28 -3.24 -8.46
C MET B 170 -12.67 -2.82 -9.87
N GLN B 171 -12.37 -1.59 -10.25
CA GLN B 171 -12.60 -1.07 -11.64
C GLN B 171 -11.77 -1.88 -12.63
N PHE B 172 -10.47 -2.00 -12.36
CA PHE B 172 -9.50 -2.75 -13.18
C PHE B 172 -9.95 -4.20 -13.34
N PHE B 173 -10.50 -4.83 -12.30
CA PHE B 173 -10.97 -6.24 -12.32
C PHE B 173 -12.37 -6.31 -12.95
N GLY B 174 -12.97 -5.16 -13.24
CA GLY B 174 -14.29 -5.05 -13.92
C GLY B 174 -15.43 -5.42 -13.00
N VAL B 175 -15.20 -5.38 -11.70
CA VAL B 175 -16.28 -5.52 -10.71
C VAL B 175 -17.21 -4.32 -10.89
N PRO B 176 -18.50 -4.56 -11.19
CA PRO B 176 -19.41 -3.47 -11.56
C PRO B 176 -20.01 -2.72 -10.35
N SER B 177 -20.01 -3.35 -9.17
CA SER B 177 -20.62 -2.87 -7.90
C SER B 177 -19.55 -2.86 -6.79
N PHE B 178 -19.20 -1.70 -6.25
CA PHE B 178 -18.28 -1.57 -5.09
C PHE B 178 -18.83 -0.60 -4.04
N ASP B 179 -19.29 -1.16 -2.92
CA ASP B 179 -19.93 -0.45 -1.78
C ASP B 179 -18.85 -0.05 -0.77
N GLY B 180 -18.96 1.14 -0.18
CA GLY B 180 -18.14 1.57 0.99
C GLY B 180 -19.02 1.69 2.21
N LEU B 181 -18.62 1.13 3.34
CA LEU B 181 -19.27 1.34 4.65
C LEU B 181 -18.22 1.79 5.64
N PHE B 182 -18.38 3.03 6.15
CA PHE B 182 -17.31 3.74 6.87
C PHE B 182 -17.76 3.97 8.31
N VAL B 183 -16.86 3.72 9.25
CA VAL B 183 -17.06 4.08 10.68
C VAL B 183 -15.96 5.08 10.96
N GLU B 184 -16.34 6.36 11.07
CA GLU B 184 -15.29 7.42 11.10
C GLU B 184 -15.57 8.51 12.15
N GLY B 185 -14.50 9.16 12.58
CA GLY B 185 -14.50 10.36 13.43
C GLY B 185 -14.45 10.02 14.91
N HIS B 186 -14.40 8.75 15.29
CA HIS B 186 -14.44 8.35 16.73
C HIS B 186 -13.12 8.70 17.46
N ASN B 187 -11.99 8.91 16.79
CA ASN B 187 -10.75 9.41 17.48
C ASN B 187 -10.77 10.94 17.55
N ALA B 188 -11.46 11.62 16.64
CA ALA B 188 -11.57 13.10 16.69
C ALA B 188 -12.53 13.52 17.79
N MET B 189 -13.61 12.76 17.99
CA MET B 189 -14.70 13.05 18.96
C MET B 189 -15.00 11.77 19.73
N PRO B 190 -14.05 11.41 20.64
CA PRO B 190 -14.12 10.19 21.41
C PRO B 190 -15.34 10.14 22.33
N ASP B 191 -15.88 11.32 22.66
CA ASP B 191 -17.15 11.43 23.44
C ASP B 191 -18.30 10.84 22.59
N LYS B 192 -18.14 10.75 21.26
CA LYS B 192 -19.23 10.27 20.38
C LYS B 192 -18.88 8.89 19.81
N ALA B 193 -17.80 8.26 20.28
CA ALA B 193 -17.30 6.98 19.72
C ALA B 193 -18.39 5.92 19.75
N GLN B 194 -19.10 5.74 20.87
CA GLN B 194 -20.10 4.65 21.00
C GLN B 194 -21.28 4.93 20.07
N GLU B 195 -21.68 6.18 19.93
CA GLU B 195 -22.80 6.57 19.04
C GLU B 195 -22.35 6.34 17.60
N ILE B 196 -21.13 6.74 17.24
CA ILE B 196 -20.59 6.56 15.87
C ILE B 196 -20.56 5.05 15.58
N LYS B 197 -20.08 4.24 16.52
CA LYS B 197 -19.96 2.78 16.30
C LYS B 197 -21.37 2.16 16.10
N GLU B 198 -22.30 2.43 17.01
CA GLU B 198 -23.70 1.94 16.93
C GLU B 198 -24.34 2.32 15.59
N LYS B 199 -24.13 3.56 15.14
CA LYS B 199 -24.73 3.99 13.86
C LYS B 199 -24.13 3.15 12.70
N ALA B 200 -22.82 2.94 12.66
CA ALA B 200 -22.15 2.14 11.60
C ALA B 200 -22.63 0.67 11.63
N VAL B 201 -22.81 0.10 12.82
CA VAL B 201 -23.30 -1.29 13.03
C VAL B 201 -24.72 -1.43 12.46
N ALA B 202 -25.58 -0.44 12.73
CA ALA B 202 -26.96 -0.38 12.19
C ALA B 202 -26.92 -0.29 10.66
N ARG B 203 -26.07 0.55 10.10
CA ARG B 203 -25.87 0.68 8.65
C ARG B 203 -25.38 -0.67 8.09
N ALA B 204 -24.43 -1.31 8.76
CA ALA B 204 -23.89 -2.63 8.35
C ALA B 204 -25.05 -3.64 8.29
N LYS B 205 -25.83 -3.72 9.36
CA LYS B 205 -27.01 -4.61 9.44
C LYS B 205 -27.97 -4.33 8.27
N ASP B 206 -28.27 -3.05 7.98
CA ASP B 206 -29.12 -2.67 6.83
C ASP B 206 -28.52 -3.20 5.52
N LEU B 207 -27.24 -2.99 5.30
CA LEU B 207 -26.62 -3.39 4.01
C LEU B 207 -26.67 -4.92 3.89
N ALA B 208 -26.56 -5.64 5.01
CA ALA B 208 -26.51 -7.13 5.03
C ALA B 208 -27.84 -7.71 4.51
N HIS B 209 -28.91 -6.92 4.56
CA HIS B 209 -30.26 -7.34 4.06
C HIS B 209 -30.35 -7.21 2.54
N THR B 210 -29.50 -6.42 1.87
CA THR B 210 -29.63 -6.15 0.42
C THR B 210 -28.36 -6.56 -0.34
N PHE B 211 -27.23 -6.77 0.34
CA PHE B 211 -25.97 -7.19 -0.32
C PHE B 211 -26.18 -8.59 -0.93
N1 FMN C . 2.82 -2.19 -15.30
C2 FMN C . 1.81 -1.29 -15.40
O2 FMN C . 1.76 -0.49 -16.34
N3 FMN C . 0.86 -1.18 -14.48
C4 FMN C . 0.82 -1.96 -13.40
O4 FMN C . -0.11 -1.78 -12.59
C4A FMN C . 1.86 -2.96 -13.22
N5 FMN C . 1.86 -3.85 -12.20
C5A FMN C . 2.85 -4.74 -12.06
C6 FMN C . 2.86 -5.63 -10.98
C7 FMN C . 3.89 -6.55 -10.82
C7M FMN C . 3.92 -7.49 -9.67
C8 FMN C . 4.98 -6.61 -11.83
C8M FMN C . 6.08 -7.64 -11.70
C9 FMN C . 4.93 -5.75 -12.92
C9A FMN C . 3.93 -4.82 -13.09
N10 FMN C . 3.88 -3.92 -14.15
C10 FMN C . 2.88 -3.02 -14.26
C1' FMN C . 4.96 -3.84 -15.11
C2' FMN C . 6.04 -3.00 -14.28
O2' FMN C . 5.62 -1.68 -13.80
C3' FMN C . 7.35 -2.73 -15.01
O3' FMN C . 8.04 -3.99 -15.17
C4' FMN C . 8.30 -1.81 -14.22
O4' FMN C . 9.47 -1.61 -15.01
C5' FMN C . 8.80 -2.32 -12.88
O5' FMN C . 9.95 -1.62 -12.38
P FMN C . 11.38 -2.30 -12.34
O1P FMN C . 11.31 -3.69 -11.79
O2P FMN C . 12.33 -1.43 -11.60
O3P FMN C . 11.69 -2.35 -13.84
C1 GOL D . 3.36 -7.33 5.09
O1 GOL D . 2.79 -8.00 3.98
C2 GOL D . 4.82 -7.04 4.90
O2 GOL D . 5.56 -8.24 4.70
C3 GOL D . 5.12 -6.08 3.79
O3 GOL D . 6.42 -5.53 3.97
N1 FMN E . -6.62 8.06 11.77
C2 FMN E . -6.82 8.99 10.79
O2 FMN E . -7.81 9.75 10.90
N3 FMN E . -6.00 9.04 9.70
C4 FMN E . -4.91 8.26 9.57
O4 FMN E . -4.21 8.28 8.56
C4A FMN E . -4.62 7.27 10.61
N5 FMN E . -3.50 6.53 10.54
C5A FMN E . -3.30 5.62 11.55
C6 FMN E . -2.15 4.81 11.51
C7 FMN E . -1.94 3.88 12.52
C7M FMN E . -0.77 2.98 12.45
C8 FMN E . -2.85 3.76 13.64
C8M FMN E . -2.69 2.75 14.76
C9 FMN E . -3.99 4.56 13.66
C9A FMN E . -4.22 5.50 12.67
N10 FMN E . -5.37 6.33 12.73
C10 FMN E . -5.56 7.25 11.73
C1' FMN E . -6.42 6.21 13.70
C2' FMN E . -7.24 5.01 13.04
O2' FMN E . -7.76 5.18 11.67
C3' FMN E . -8.46 4.51 13.83
O3' FMN E . -7.99 4.15 15.14
C4' FMN E . -9.36 3.39 13.22
O4' FMN E . -10.45 3.07 14.12
C5' FMN E . -8.55 2.12 12.94
O5' FMN E . -9.39 0.98 12.69
P FMN E . -9.64 -0.14 13.80
O1P FMN E . -8.24 -0.59 14.24
O2P FMN E . -10.45 -1.12 13.02
O3P FMN E . -10.37 0.53 14.92
C1 GOL F . -10.04 -13.01 -25.72
O1 GOL F . -8.84 -13.75 -25.43
C2 GOL F . -9.79 -11.52 -25.65
O2 GOL F . -8.43 -11.20 -25.98
C3 GOL F . -10.73 -10.75 -26.55
O3 GOL F . -10.45 -9.35 -26.59
S SO4 G . 9.43 -18.20 -17.91
O1 SO4 G . 8.59 -17.87 -19.06
O2 SO4 G . 9.88 -16.97 -17.24
O3 SO4 G . 8.66 -19.03 -16.97
O4 SO4 G . 10.58 -18.91 -18.44
#